data_4ZBV
#
_entry.id   4ZBV
#
_cell.length_a   130.310
_cell.length_b   138.400
_cell.length_c   44.940
_cell.angle_alpha   90.00
_cell.angle_beta   90.00
_cell.angle_gamma   90.00
#
_symmetry.space_group_name_H-M   'P 21 21 2'
#
loop_
_entity.id
_entity.type
_entity.pdbx_description
1 polymer 'rRNA N-glycosidase'
2 polymer 'rRNA N-glycosidase'
3 branched alpha-L-fucopyranose-(1-3)-2-acetamido-2-deoxy-beta-D-glucopyranose
4 branched 2-acetamido-2-deoxy-beta-D-glucopyranose-(1-4)-2-acetamido-2-deoxy-beta-D-glucopyranose
5 non-polymer 2-acetamido-2-deoxy-beta-D-glucopyranose
6 non-polymer 'PHOSPHATE ION'
7 non-polymer beta-D-mannopyranose
8 non-polymer 1,2-ETHANEDIOL
9 non-polymer 'TRIETHYLENE GLYCOL'
10 non-polymer beta-D-galactopyranose
11 non-polymer 2-acetamido-2-deoxy-alpha-D-galactopyranose
12 non-polymer TOLUENE
13 water water
#
loop_
_entity_poly.entity_id
_entity_poly.type
_entity_poly.pdbx_seq_one_letter_code
_entity_poly.pdbx_strand_id
1 'polypeptide(L)'
;NLSLSQSNFSADTYKSFIKNLRKQLTIGASYGSAGIPILKHSVPICERFLLVDLTNGDNETITLAINVEDAGFAAYRAAD
RSYFFQNAPPIASYVIFTDTNQNIMNFNNTFESIEIVGGTTRSETPLGIMHFEASIFHLFVHDENYVPTSFLVLIQMVLE
AAKFKFIEQKVIHSIMDMEDFTPGLAMLSLEENWTQLSLQLQASESLNGVFGDSVSLYNSMDEPIGVDSMYYPILTANMA
FQLYQCP
;
A
2 'polypeptide(L)'
;NEQCSPQQRTTRISGRDGLCVDVYGALTADGSRVILYPCGQQQNQQWTFYPDNTIRSLGKCLATSALSSGSNVVITNCDY
LRYDDGWMVSSSGTMMNKSSHLVLTANAATSRTNLTGENNVFAAKQAWRIGNYVEPIVTTIIGLRHMCLEATDNDTNVWL
ESCVKNKTKQYWALYSDDTIRVNNNRNLCVSSSTDSSSKLIVIRRCDGSINQRWVFTPQGTISNPGYEAVMDVAQNDVYL
KKIVLSSATDKGNGQQWTVFY
;
B
#
loop_
_chem_comp.id
_chem_comp.type
_chem_comp.name
_chem_comp.formula
A2G D-saccharide, alpha linking 2-acetamido-2-deoxy-alpha-D-galactopyranose 'C8 H15 N O6'
BMA D-saccharide, beta linking beta-D-mannopyranose 'C6 H12 O6'
EDO non-polymer 1,2-ETHANEDIOL 'C2 H6 O2'
FUC L-saccharide, alpha linking alpha-L-fucopyranose 'C6 H12 O5'
GAL D-saccharide, beta linking beta-D-galactopyranose 'C6 H12 O6'
MBN non-polymer TOLUENE 'C7 H8'
NAG D-saccharide, beta linking 2-acetamido-2-deoxy-beta-D-glucopyranose 'C8 H15 N O6'
PGE non-polymer 'TRIETHYLENE GLYCOL' 'C6 H14 O4'
PO4 non-polymer 'PHOSPHATE ION' 'O4 P -3'
#
# COMPACT_ATOMS: atom_id res chain seq x y z
N ASN A 1 1.00 14.46 -25.65
CA ASN A 1 0.29 13.76 -24.55
C ASN A 1 0.98 12.45 -24.19
N LEU A 2 0.86 12.05 -22.93
CA LEU A 2 1.34 10.74 -22.47
C LEU A 2 0.60 9.67 -23.26
N SER A 3 1.28 8.61 -23.70
CA SER A 3 0.59 7.63 -24.51
C SER A 3 1.14 6.22 -24.44
N LEU A 4 0.31 5.30 -24.91
CA LEU A 4 0.62 3.88 -24.98
C LEU A 4 0.04 3.32 -26.26
N SER A 5 0.84 2.55 -26.99
CA SER A 5 0.41 1.97 -28.27
C SER A 5 0.55 0.46 -28.31
N GLN A 6 -0.32 -0.16 -29.11
CA GLN A 6 -0.23 -1.61 -29.34
C GLN A 6 0.99 -2.03 -30.14
N SER A 7 1.58 -1.11 -30.90
CA SER A 7 2.86 -1.36 -31.59
C SER A 7 3.95 -1.86 -30.62
N ASN A 8 4.03 -1.21 -29.47
CA ASN A 8 5.02 -1.53 -28.44
C ASN A 8 4.31 -1.57 -27.09
N PHE A 9 3.63 -2.70 -26.84
CA PHE A 9 2.86 -2.93 -25.64
C PHE A 9 3.41 -4.16 -24.93
N SER A 10 4.36 -3.93 -24.02
CA SER A 10 4.98 -5.01 -23.26
C SER A 10 4.79 -4.69 -21.80
N ALA A 11 5.14 -5.65 -20.96
CA ALA A 11 5.22 -5.42 -19.52
C ALA A 11 5.98 -4.11 -19.18
N ASP A 12 7.13 -3.91 -19.83
CA ASP A 12 7.94 -2.71 -19.58
C ASP A 12 7.25 -1.41 -20.00
N THR A 13 6.69 -1.41 -21.20
CA THR A 13 6.11 -0.18 -21.72
C THR A 13 4.82 0.16 -20.96
N TYR A 14 4.07 -0.87 -20.58
CA TYR A 14 2.90 -0.67 -19.72
C TYR A 14 3.27 -0.07 -18.36
N LYS A 15 4.27 -0.68 -17.72
CA LYS A 15 4.80 -0.20 -16.44
C LYS A 15 5.27 1.27 -16.52
N SER A 16 5.98 1.62 -17.60
CA SER A 16 6.47 2.98 -17.79
C SER A 16 5.34 3.98 -17.93
N PHE A 17 4.34 3.60 -18.72
CA PHE A 17 3.15 4.40 -18.90
C PHE A 17 2.41 4.67 -17.58
N ILE A 18 2.16 3.63 -16.81
CA ILE A 18 1.50 3.78 -15.50
C ILE A 18 2.36 4.64 -14.58
N LYS A 19 3.66 4.38 -14.56
CA LYS A 19 4.62 5.17 -13.77
C LYS A 19 4.54 6.65 -14.10
N ASN A 20 4.58 6.99 -15.39
CA ASN A 20 4.51 8.40 -15.80
C ASN A 20 3.13 9.00 -15.57
N LEU A 21 2.08 8.21 -15.77
CA LEU A 21 0.72 8.67 -15.44
C LEU A 21 0.64 9.10 -13.96
N ARG A 22 1.17 8.29 -13.05
CA ARG A 22 1.19 8.68 -11.63
C ARG A 22 1.95 9.99 -11.41
N LYS A 23 3.09 10.14 -12.10
CA LYS A 23 3.88 11.35 -11.99
C LYS A 23 3.09 12.58 -12.40
N GLN A 24 2.47 12.54 -13.58
CA GLN A 24 1.70 13.71 -14.07
C GLN A 24 0.58 14.04 -13.11
N LEU A 25 -0.11 13.02 -12.62
CA LEU A 25 -1.24 13.21 -11.71
C LEU A 25 -0.83 13.78 -10.36
N THR A 26 0.39 13.47 -9.93
CA THR A 26 0.86 13.90 -8.61
C THR A 26 1.73 15.16 -8.64
N ILE A 27 1.76 15.87 -9.77
CA ILE A 27 2.34 17.23 -9.83
C ILE A 27 1.52 18.10 -8.89
N GLY A 28 2.19 18.85 -8.02
CA GLY A 28 1.51 19.71 -7.06
C GLY A 28 0.72 18.99 -5.97
N ALA A 29 1.04 17.72 -5.74
CA ALA A 29 0.36 16.92 -4.73
C ALA A 29 0.80 17.35 -3.34
N SER A 30 -0.11 17.26 -2.37
CA SER A 30 0.25 17.43 -0.97
C SER A 30 0.63 16.05 -0.40
N TYR A 31 1.34 16.05 0.72
CA TYR A 31 1.80 14.83 1.39
C TYR A 31 1.49 14.87 2.88
N GLY A 32 1.21 13.70 3.45
CA GLY A 32 1.00 13.54 4.90
C GLY A 32 2.08 12.65 5.51
N SER A 33 1.80 12.13 6.71
CA SER A 33 2.70 11.21 7.42
C SER A 33 2.98 9.94 6.66
N ALA A 34 1.95 9.43 6.00
CA ALA A 34 2.09 8.22 5.20
C ALA A 34 3.02 8.39 4.01
N GLY A 35 3.21 9.61 3.54
CA GLY A 35 4.08 9.87 2.40
C GLY A 35 3.51 9.34 1.09
N ILE A 36 2.18 9.21 1.02
CA ILE A 36 1.49 8.83 -0.21
C ILE A 36 0.89 10.13 -0.73
N PRO A 37 1.27 10.54 -1.95
CA PRO A 37 0.77 11.83 -2.45
C PRO A 37 -0.77 11.93 -2.52
N ILE A 38 -1.28 13.12 -2.21
CA ILE A 38 -2.70 13.42 -2.21
C ILE A 38 -2.93 14.30 -3.41
N LEU A 39 -3.92 13.97 -4.23
CA LEU A 39 -4.18 14.72 -5.46
C LEU A 39 -4.61 16.15 -5.18
N LYS A 40 -4.46 16.98 -6.20
CA LYS A 40 -4.83 18.38 -6.13
C LYS A 40 -6.36 18.53 -5.98
N HIS A 41 -6.77 19.64 -5.37
CA HIS A 41 -8.17 19.95 -5.17
C HIS A 41 -8.38 21.42 -5.49
N SER A 42 -9.63 21.80 -5.77
CA SER A 42 -9.97 23.17 -6.19
C SER A 42 -9.10 23.62 -7.38
N VAL A 43 -8.99 22.76 -8.39
CA VAL A 43 -8.23 23.09 -9.57
C VAL A 43 -9.12 23.89 -10.51
N PRO A 44 -8.64 25.06 -10.99
CA PRO A 44 -9.36 25.80 -12.04
C PRO A 44 -9.64 24.91 -13.24
N ILE A 45 -10.86 24.95 -13.75
CA ILE A 45 -11.31 24.06 -14.82
C ILE A 45 -10.39 24.03 -16.06
N CYS A 46 -9.69 25.12 -16.33
CA CYS A 46 -8.78 25.20 -17.43
C CYS A 46 -7.57 24.27 -17.27
N GLU A 47 -7.19 23.96 -16.04
CA GLU A 47 -6.04 23.08 -15.76
C GLU A 47 -6.44 21.73 -15.11
N ARG A 48 -7.74 21.43 -15.06
CA ARG A 48 -8.19 20.24 -14.33
C ARG A 48 -8.05 18.92 -15.11
N PHE A 49 -7.75 18.99 -16.41
CA PHE A 49 -7.71 17.78 -17.22
C PHE A 49 -6.32 17.44 -17.74
N LEU A 50 -6.03 16.15 -17.71
CA LEU A 50 -4.79 15.57 -18.21
C LEU A 50 -5.19 14.66 -19.35
N LEU A 51 -4.56 14.85 -20.51
CA LEU A 51 -4.89 14.11 -21.72
C LEU A 51 -3.92 12.97 -21.91
N VAL A 52 -4.47 11.80 -22.19
CA VAL A 52 -3.70 10.60 -22.39
C VAL A 52 -4.18 9.96 -23.70
N ASP A 53 -3.23 9.56 -24.55
CA ASP A 53 -3.55 8.93 -25.83
C ASP A 53 -3.33 7.43 -25.78
N LEU A 54 -4.32 6.66 -26.25
CA LEU A 54 -4.17 5.21 -26.43
C LEU A 54 -4.45 4.87 -27.88
N THR A 55 -3.58 4.05 -28.47
CA THR A 55 -3.63 3.73 -29.89
C THR A 55 -3.79 2.22 -30.06
N ASN A 56 -4.76 1.82 -30.85
CA ASN A 56 -5.08 0.41 -31.01
C ASN A 56 -4.21 -0.24 -32.10
N GLY A 57 -4.51 -1.51 -32.40
CA GLY A 57 -3.78 -2.27 -33.41
C GLY A 57 -4.08 -1.88 -34.84
N ASP A 58 -5.06 -0.99 -35.05
CA ASP A 58 -5.30 -0.35 -36.35
C ASP A 58 -4.58 1.00 -36.48
N ASN A 59 -3.74 1.35 -35.50
CA ASN A 59 -3.10 2.67 -35.42
C ASN A 59 -4.09 3.84 -35.36
N GLU A 60 -5.28 3.60 -34.81
CA GLU A 60 -6.25 4.66 -34.51
C GLU A 60 -6.16 4.97 -33.03
N THR A 61 -6.23 6.26 -32.70
CA THR A 61 -5.95 6.77 -31.37
C THR A 61 -7.20 7.41 -30.77
N ILE A 62 -7.43 7.17 -29.47
CA ILE A 62 -8.39 7.93 -28.69
C ILE A 62 -7.60 8.76 -27.69
N THR A 63 -8.11 9.94 -27.36
CA THR A 63 -7.52 10.75 -26.31
C THR A 63 -8.52 10.81 -25.15
N LEU A 64 -8.08 10.34 -23.98
CA LEU A 64 -8.93 10.33 -22.79
C LEU A 64 -8.56 11.52 -21.91
N ALA A 65 -9.57 12.24 -21.43
CA ALA A 65 -9.37 13.36 -20.52
C ALA A 65 -9.63 12.90 -19.09
N ILE A 66 -8.57 12.90 -18.28
CA ILE A 66 -8.61 12.50 -16.89
C ILE A 66 -8.64 13.73 -15.99
N ASN A 67 -9.61 13.77 -15.10
CA ASN A 67 -9.75 14.83 -14.13
C ASN A 67 -8.69 14.61 -13.07
N VAL A 68 -7.84 15.61 -12.87
CA VAL A 68 -6.68 15.49 -11.99
C VAL A 68 -7.02 15.52 -10.51
N GLU A 69 -8.26 15.90 -10.17
CA GLU A 69 -8.73 15.92 -8.79
C GLU A 69 -9.15 14.54 -8.29
N ASP A 70 -9.71 13.71 -9.16
CA ASP A 70 -10.17 12.38 -8.76
C ASP A 70 -9.71 11.21 -9.63
N ALA A 71 -8.84 11.45 -10.61
CA ALA A 71 -8.34 10.38 -11.47
C ALA A 71 -9.44 9.53 -12.08
N GLY A 72 -10.48 10.20 -12.58
CA GLY A 72 -11.56 9.55 -13.31
C GLY A 72 -11.67 10.18 -14.70
N PHE A 73 -12.14 9.39 -15.67
CA PHE A 73 -12.36 9.92 -17.02
C PHE A 73 -13.56 10.85 -17.01
N ALA A 74 -13.34 12.06 -17.53
CA ALA A 74 -14.40 13.03 -17.73
C ALA A 74 -14.98 12.92 -19.14
N ALA A 75 -14.12 12.67 -20.13
CA ALA A 75 -14.51 12.62 -21.53
C ALA A 75 -13.44 11.93 -22.39
N TYR A 76 -13.77 11.67 -23.64
CA TYR A 76 -12.74 11.25 -24.60
C TYR A 76 -12.98 11.73 -26.02
N ARG A 77 -11.91 11.82 -26.79
CA ARG A 77 -11.95 12.22 -28.19
C ARG A 77 -11.50 11.06 -29.06
N ALA A 78 -12.14 10.95 -30.21
CA ALA A 78 -11.75 10.04 -31.28
C ALA A 78 -11.96 10.82 -32.57
N ALA A 79 -10.87 11.13 -33.27
CA ALA A 79 -10.91 11.91 -34.51
C ALA A 79 -11.56 13.28 -34.29
N ASP A 80 -12.71 13.55 -34.93
CA ASP A 80 -13.38 14.87 -34.78
C ASP A 80 -14.64 14.77 -33.89
N ARG A 81 -14.80 13.62 -33.24
CA ARG A 81 -15.89 13.37 -32.30
C ARG A 81 -15.34 13.31 -30.86
N SER A 82 -16.16 13.74 -29.90
CA SER A 82 -15.83 13.61 -28.49
C SER A 82 -17.08 13.25 -27.70
N TYR A 83 -16.85 12.63 -26.54
CA TYR A 83 -17.92 12.04 -25.75
C TYR A 83 -17.66 12.31 -24.28
N PHE A 84 -18.66 12.90 -23.62
CA PHE A 84 -18.58 13.35 -22.23
C PHE A 84 -19.48 12.46 -21.38
N PHE A 85 -19.00 12.12 -20.19
CA PHE A 85 -19.85 11.45 -19.21
C PHE A 85 -20.91 12.42 -18.71
N GLN A 86 -22.04 11.86 -18.35
CA GLN A 86 -23.16 12.63 -17.84
C GLN A 86 -22.82 13.39 -16.56
N ASN A 87 -21.84 12.92 -15.80
CA ASN A 87 -21.36 13.64 -14.61
C ASN A 87 -20.02 14.36 -14.80
N ALA A 88 -19.55 14.55 -16.03
CA ALA A 88 -18.40 15.41 -16.27
C ALA A 88 -18.69 16.81 -15.69
N PRO A 89 -17.66 17.55 -15.26
CA PRO A 89 -17.93 18.89 -14.74
C PRO A 89 -18.54 19.74 -15.85
N PRO A 90 -19.63 20.48 -15.56
CA PRO A 90 -20.43 21.12 -16.64
C PRO A 90 -19.69 22.10 -17.57
N ILE A 91 -18.60 22.69 -17.09
CA ILE A 91 -17.81 23.66 -17.84
C ILE A 91 -16.73 22.97 -18.68
N ALA A 92 -16.56 21.66 -18.53
CA ALA A 92 -15.51 20.90 -19.22
C ALA A 92 -15.60 20.97 -20.72
N SER A 93 -16.81 20.97 -21.28
CA SER A 93 -17.01 21.10 -22.74
C SER A 93 -16.47 22.39 -23.39
N TYR A 94 -16.25 23.44 -22.58
CA TYR A 94 -15.66 24.69 -23.05
C TYR A 94 -14.14 24.70 -23.00
N VAL A 95 -13.57 23.68 -22.33
CA VAL A 95 -12.14 23.58 -22.08
C VAL A 95 -11.44 22.46 -22.85
N ILE A 96 -12.09 21.32 -23.05
CA ILE A 96 -11.46 20.18 -23.74
C ILE A 96 -12.24 19.77 -24.98
N PHE A 97 -11.52 19.37 -26.02
CA PHE A 97 -12.13 18.89 -27.26
C PHE A 97 -13.13 19.92 -27.84
N THR A 98 -12.77 21.19 -27.74
CA THR A 98 -13.67 22.28 -28.15
C THR A 98 -13.89 22.26 -29.67
N ASP A 99 -12.82 22.03 -30.44
CA ASP A 99 -12.90 21.87 -31.90
C ASP A 99 -13.29 20.43 -32.32
N THR A 100 -14.37 19.90 -31.73
CA THR A 100 -14.92 18.58 -32.11
C THR A 100 -16.43 18.63 -31.99
N ASN A 101 -17.08 17.57 -32.48
CA ASN A 101 -18.52 17.38 -32.33
C ASN A 101 -18.78 16.65 -31.00
N GLN A 102 -19.25 17.40 -30.01
CA GLN A 102 -19.38 16.90 -28.65
C GLN A 102 -20.70 16.15 -28.45
N ASN A 103 -20.63 14.98 -27.83
CA ASN A 103 -21.79 14.21 -27.42
C ASN A 103 -21.74 13.97 -25.93
N ILE A 104 -22.90 13.82 -25.30
CA ILE A 104 -22.99 13.42 -23.90
C ILE A 104 -23.47 11.97 -23.86
N MET A 105 -22.72 11.12 -23.16
CA MET A 105 -23.12 9.74 -22.99
C MET A 105 -24.21 9.67 -21.95
N ASN A 106 -25.00 8.61 -22.02
CA ASN A 106 -26.21 8.47 -21.21
C ASN A 106 -25.97 8.02 -19.76
N PHE A 107 -24.72 8.10 -19.27
CA PHE A 107 -24.35 7.57 -17.95
C PHE A 107 -23.15 8.29 -17.33
N ASN A 108 -22.95 8.03 -16.04
CA ASN A 108 -21.87 8.59 -15.27
C ASN A 108 -20.58 7.76 -15.42
N ASN A 109 -19.46 8.37 -15.05
CA ASN A 109 -18.15 7.71 -15.07
C ASN A 109 -17.86 6.75 -13.90
N THR A 110 -18.87 6.43 -13.08
CA THR A 110 -18.74 5.51 -11.95
C THR A 110 -19.00 4.10 -12.44
N PHE A 111 -18.48 3.10 -11.75
CA PHE A 111 -18.70 1.69 -12.14
C PHE A 111 -20.17 1.30 -11.98
N GLU A 112 -20.81 1.83 -10.95
CA GLU A 112 -22.21 1.55 -10.64
C GLU A 112 -23.13 1.92 -11.80
N SER A 113 -22.94 3.13 -12.35
CA SER A 113 -23.67 3.61 -13.52
C SER A 113 -23.36 2.78 -14.76
N ILE A 114 -22.07 2.59 -15.04
CA ILE A 114 -21.63 1.88 -16.24
C ILE A 114 -22.13 0.43 -16.27
N GLU A 115 -22.10 -0.23 -15.11
CA GLU A 115 -22.60 -1.60 -15.00
C GLU A 115 -24.12 -1.66 -15.21
N ILE A 116 -24.86 -0.66 -14.73
CA ILE A 116 -26.32 -0.63 -14.92
C ILE A 116 -26.66 -0.45 -16.41
N VAL A 117 -26.04 0.53 -17.06
CA VAL A 117 -26.26 0.75 -18.49
C VAL A 117 -25.71 -0.39 -19.35
N GLY A 118 -24.53 -0.89 -18.99
CA GLY A 118 -23.96 -2.03 -19.71
C GLY A 118 -24.65 -3.36 -19.45
N GLY A 119 -25.36 -3.48 -18.33
CA GLY A 119 -25.96 -4.74 -17.89
C GLY A 119 -24.93 -5.85 -17.66
N THR A 120 -23.71 -5.47 -17.30
CA THR A 120 -22.60 -6.40 -17.15
C THR A 120 -21.62 -5.87 -16.12
N THR A 121 -21.14 -6.74 -15.23
CA THR A 121 -20.32 -6.33 -14.09
C THR A 121 -18.81 -6.51 -14.35
N ARG A 122 -18.00 -5.89 -13.51
CA ARG A 122 -16.55 -6.04 -13.59
C ARG A 122 -16.15 -7.50 -13.37
N SER A 123 -16.80 -8.17 -12.42
CA SER A 123 -16.61 -9.61 -12.20
C SER A 123 -16.76 -10.51 -13.43
N GLU A 124 -17.60 -10.10 -14.38
CA GLU A 124 -17.81 -10.86 -15.60
C GLU A 124 -17.05 -10.31 -16.80
N THR A 125 -16.23 -9.27 -16.62
CA THR A 125 -15.59 -8.60 -17.77
C THR A 125 -14.08 -8.93 -17.81
N PRO A 126 -13.64 -9.72 -18.81
CA PRO A 126 -12.22 -10.07 -18.83
C PRO A 126 -11.31 -8.89 -19.12
N LEU A 127 -10.12 -8.93 -18.53
CA LEU A 127 -9.08 -7.93 -18.79
C LEU A 127 -7.83 -8.62 -19.34
N GLY A 128 -7.09 -7.87 -20.14
CA GLY A 128 -5.90 -8.35 -20.80
C GLY A 128 -5.63 -7.57 -22.07
N ILE A 129 -4.63 -8.01 -22.81
CA ILE A 129 -4.11 -7.22 -23.93
C ILE A 129 -5.16 -7.10 -25.02
N MET A 130 -5.78 -8.21 -25.40
CA MET A 130 -6.77 -8.19 -26.47
C MET A 130 -7.97 -7.33 -26.09
N HIS A 131 -8.35 -7.38 -24.81
CA HIS A 131 -9.51 -6.64 -24.31
C HIS A 131 -9.20 -5.15 -24.20
N PHE A 132 -7.95 -4.83 -23.90
CA PHE A 132 -7.46 -3.46 -23.94
C PHE A 132 -7.52 -2.90 -25.38
N GLU A 133 -6.97 -3.66 -26.31
CA GLU A 133 -6.93 -3.23 -27.72
C GLU A 133 -8.34 -3.07 -28.24
N ALA A 134 -9.18 -4.08 -27.98
CA ALA A 134 -10.57 -4.09 -28.45
C ALA A 134 -11.39 -2.91 -27.91
N SER A 135 -11.14 -2.52 -26.68
CA SER A 135 -11.87 -1.43 -26.03
C SER A 135 -11.55 -0.09 -26.66
N ILE A 136 -10.30 0.10 -27.06
CA ILE A 136 -9.88 1.31 -27.75
C ILE A 136 -10.57 1.36 -29.11
N PHE A 137 -10.65 0.20 -29.77
CA PHE A 137 -11.40 0.10 -31.04
C PHE A 137 -12.89 0.46 -30.86
N HIS A 138 -13.55 -0.14 -29.87
CA HIS A 138 -14.99 0.10 -29.68
C HIS A 138 -15.27 1.56 -29.33
N LEU A 139 -14.41 2.17 -28.52
CA LEU A 139 -14.53 3.59 -28.23
C LEU A 139 -14.23 4.45 -29.44
N PHE A 140 -13.24 4.09 -30.25
CA PHE A 140 -12.90 4.91 -31.42
C PHE A 140 -14.09 5.09 -32.37
N VAL A 141 -14.72 3.98 -32.76
CA VAL A 141 -15.93 4.02 -33.60
C VAL A 141 -17.22 4.34 -32.81
N HIS A 142 -17.13 4.34 -31.48
CA HIS A 142 -18.27 4.53 -30.56
C HIS A 142 -19.46 3.60 -30.83
N ASP A 143 -19.21 2.30 -30.86
CA ASP A 143 -20.26 1.29 -30.94
C ASP A 143 -20.91 1.16 -29.55
N GLU A 144 -22.11 1.71 -29.43
CA GLU A 144 -22.82 1.82 -28.15
C GLU A 144 -23.03 0.50 -27.41
N ASN A 145 -23.16 -0.61 -28.14
CA ASN A 145 -23.24 -1.96 -27.51
C ASN A 145 -21.99 -2.31 -26.68
N TYR A 146 -20.84 -1.76 -27.07
CA TYR A 146 -19.58 -2.05 -26.41
C TYR A 146 -18.97 -0.89 -25.63
N VAL A 147 -19.55 0.31 -25.68
CA VAL A 147 -18.94 1.46 -24.99
C VAL A 147 -18.83 1.22 -23.48
N PRO A 148 -19.93 0.81 -22.82
CA PRO A 148 -19.85 0.64 -21.37
C PRO A 148 -18.78 -0.35 -20.92
N THR A 149 -18.82 -1.56 -21.47
CA THR A 149 -17.83 -2.59 -21.17
C THR A 149 -16.38 -2.15 -21.49
N SER A 150 -16.21 -1.38 -22.58
CA SER A 150 -14.91 -0.84 -22.93
C SER A 150 -14.38 0.12 -21.87
N PHE A 151 -15.27 0.84 -21.21
CA PHE A 151 -14.87 1.68 -20.11
C PHE A 151 -14.50 0.91 -18.85
N LEU A 152 -15.25 -0.15 -18.54
CA LEU A 152 -14.89 -1.06 -17.45
C LEU A 152 -13.47 -1.59 -17.63
N VAL A 153 -13.14 -1.89 -18.87
CA VAL A 153 -11.83 -2.42 -19.21
C VAL A 153 -10.77 -1.35 -19.00
N LEU A 154 -10.96 -0.17 -19.60
CA LEU A 154 -9.93 0.87 -19.61
C LEU A 154 -9.81 1.64 -18.29
N ILE A 155 -10.94 1.92 -17.63
CA ILE A 155 -10.87 2.56 -16.31
C ILE A 155 -10.00 1.68 -15.39
N GLN A 156 -10.18 0.37 -15.47
CA GLN A 156 -9.41 -0.52 -14.63
C GLN A 156 -7.95 -0.68 -15.04
N MET A 157 -7.68 -0.84 -16.34
CA MET A 157 -6.33 -1.11 -16.80
C MET A 157 -5.47 0.15 -16.78
N VAL A 158 -6.10 1.33 -16.75
CA VAL A 158 -5.40 2.60 -16.74
C VAL A 158 -5.52 3.29 -15.37
N LEU A 159 -6.72 3.66 -14.96
CA LEU A 159 -6.89 4.50 -13.76
C LEU A 159 -6.77 3.71 -12.45
N GLU A 160 -7.37 2.52 -12.40
CA GLU A 160 -7.30 1.70 -11.19
C GLU A 160 -5.90 1.13 -11.00
N ALA A 161 -5.28 0.75 -12.11
CA ALA A 161 -3.86 0.38 -12.14
C ALA A 161 -2.95 1.50 -11.68
N ALA A 162 -3.25 2.74 -12.09
CA ALA A 162 -2.48 3.89 -11.63
C ALA A 162 -2.62 4.05 -10.13
N LYS A 163 -3.86 4.00 -9.66
CA LYS A 163 -4.18 4.13 -8.25
C LYS A 163 -3.56 3.06 -7.37
N PHE A 164 -3.44 1.84 -7.88
CA PHE A 164 -3.02 0.68 -7.08
C PHE A 164 -1.96 -0.17 -7.74
N LYS A 165 -0.79 -0.27 -7.10
CA LYS A 165 0.28 -1.15 -7.59
C LYS A 165 -0.12 -2.62 -7.68
N PHE A 166 -1.01 -3.08 -6.81
CA PHE A 166 -1.51 -4.45 -6.90
C PHE A 166 -2.24 -4.67 -8.25
N ILE A 167 -2.98 -3.66 -8.73
CA ILE A 167 -3.77 -3.79 -9.96
C ILE A 167 -2.87 -3.71 -11.18
N GLU A 168 -1.96 -2.75 -11.18
CA GLU A 168 -0.86 -2.66 -12.17
C GLU A 168 -0.16 -4.01 -12.36
N GLN A 169 0.20 -4.62 -11.24
CA GLN A 169 0.84 -5.95 -11.23
C GLN A 169 -0.03 -7.10 -11.74
N LYS A 170 -1.35 -7.05 -11.50
CA LYS A 170 -2.26 -8.02 -12.14
C LYS A 170 -2.19 -7.91 -13.66
N VAL A 171 -2.16 -6.69 -14.16
CA VAL A 171 -2.12 -6.44 -15.60
C VAL A 171 -0.78 -6.89 -16.19
N ILE A 172 0.30 -6.54 -15.50
CA ILE A 172 1.64 -7.00 -15.91
C ILE A 172 1.66 -8.53 -15.98
N HIS A 173 1.11 -9.20 -14.97
CA HIS A 173 1.05 -10.67 -14.98
C HIS A 173 0.31 -11.19 -16.22
N SER A 174 -0.83 -10.58 -16.57
CA SER A 174 -1.58 -10.95 -17.77
C SER A 174 -0.83 -10.69 -19.07
N ILE A 175 -0.10 -9.57 -19.13
CA ILE A 175 0.66 -9.21 -20.32
C ILE A 175 1.73 -10.28 -20.61
N MET A 176 2.58 -10.55 -19.64
CA MET A 176 3.66 -11.51 -19.87
C MET A 176 3.29 -13.00 -19.76
N ASP A 177 2.16 -13.35 -19.15
CA ASP A 177 1.59 -14.70 -19.28
C ASP A 177 0.72 -14.85 -20.53
N MET A 178 0.37 -13.75 -21.19
CA MET A 178 -0.61 -13.75 -22.28
C MET A 178 -1.88 -14.50 -21.88
N GLU A 179 -2.35 -14.22 -20.67
CA GLU A 179 -3.48 -14.90 -20.10
C GLU A 179 -4.42 -13.85 -19.53
N ASP A 180 -5.67 -13.87 -19.98
CA ASP A 180 -6.69 -12.94 -19.50
C ASP A 180 -7.08 -13.25 -18.08
N PHE A 181 -7.66 -12.27 -17.41
CA PHE A 181 -8.22 -12.48 -16.08
C PHE A 181 -9.44 -11.63 -15.89
N THR A 182 -10.26 -12.00 -14.92
CA THR A 182 -11.35 -11.16 -14.46
C THR A 182 -11.04 -10.78 -13.02
N PRO A 183 -11.33 -9.54 -12.63
CA PRO A 183 -11.01 -9.09 -11.29
C PRO A 183 -11.76 -9.86 -10.20
N GLY A 184 -11.04 -10.26 -9.16
CA GLY A 184 -11.62 -10.93 -7.99
C GLY A 184 -11.75 -9.95 -6.84
N LEU A 185 -12.00 -10.49 -5.65
CA LEU A 185 -12.32 -9.68 -4.46
C LEU A 185 -11.18 -8.75 -4.05
N ALA A 186 -9.93 -9.21 -4.28
CA ALA A 186 -8.76 -8.41 -3.99
C ALA A 186 -8.76 -7.08 -4.75
N MET A 187 -8.86 -7.19 -6.06
CA MET A 187 -8.90 -6.04 -6.95
C MET A 187 -10.12 -5.15 -6.74
N LEU A 188 -11.31 -5.75 -6.65
CA LEU A 188 -12.54 -4.96 -6.51
C LEU A 188 -12.63 -4.27 -5.15
N SER A 189 -12.14 -4.92 -4.09
CA SER A 189 -12.10 -4.28 -2.77
C SER A 189 -11.22 -3.04 -2.81
N LEU A 190 -10.12 -3.09 -3.55
CA LEU A 190 -9.29 -1.89 -3.72
C LEU A 190 -10.03 -0.78 -4.44
N GLU A 191 -10.55 -1.10 -5.61
CA GLU A 191 -11.30 -0.13 -6.44
C GLU A 191 -12.43 0.51 -5.61
N GLU A 192 -13.16 -0.32 -4.89
CA GLU A 192 -14.32 0.16 -4.15
C GLU A 192 -13.95 1.14 -3.03
N ASN A 193 -12.79 0.95 -2.41
CA ASN A 193 -12.42 1.67 -1.19
C ASN A 193 -11.39 2.80 -1.33
N TRP A 194 -10.95 3.10 -2.56
CA TRP A 194 -9.95 4.15 -2.79
C TRP A 194 -10.31 5.47 -2.10
N THR A 195 -11.57 5.88 -2.22
CA THR A 195 -12.03 7.09 -1.56
C THR A 195 -12.04 6.95 -0.03
N GLN A 196 -12.52 5.81 0.48
CA GLN A 196 -12.57 5.60 1.93
C GLN A 196 -11.15 5.50 2.52
N LEU A 197 -10.28 4.77 1.84
CA LEU A 197 -8.87 4.68 2.22
C LEU A 197 -8.15 6.02 2.20
N SER A 198 -8.49 6.87 1.24
CA SER A 198 -8.03 8.26 1.20
C SER A 198 -8.45 9.03 2.46
N LEU A 199 -9.75 9.01 2.77
CA LEU A 199 -10.28 9.68 3.95
C LEU A 199 -9.59 9.21 5.23
N GLN A 200 -9.46 7.89 5.40
CA GLN A 200 -8.92 7.32 6.63
C GLN A 200 -7.44 7.59 6.83
N LEU A 201 -6.65 7.46 5.76
CA LEU A 201 -5.24 7.82 5.84
C LEU A 201 -5.05 9.28 6.26
N GLN A 202 -5.81 10.19 5.66
CA GLN A 202 -5.71 11.61 5.98
C GLN A 202 -6.26 11.97 7.36
N ALA A 203 -7.36 11.34 7.75
CA ALA A 203 -7.91 11.48 9.10
C ALA A 203 -6.97 10.94 10.19
N SER A 204 -6.18 9.91 9.86
CA SER A 204 -5.32 9.22 10.82
C SER A 204 -4.15 10.04 11.35
N GLU A 205 -3.84 11.16 10.70
CA GLU A 205 -2.88 12.13 11.22
C GLU A 205 -3.09 12.44 12.72
N SER A 206 -4.36 12.59 13.12
CA SER A 206 -4.72 12.94 14.49
C SER A 206 -4.75 11.75 15.48
N LEU A 207 -4.63 10.51 15.01
CA LEU A 207 -4.68 9.32 15.88
C LEU A 207 -3.45 8.44 15.69
N ASN A 208 -2.28 9.04 15.55
CA ASN A 208 -1.04 8.27 15.43
C ASN A 208 -1.06 7.22 14.31
N GLY A 209 -1.69 7.57 13.19
CA GLY A 209 -1.78 6.67 12.03
C GLY A 209 -2.86 5.61 12.13
N VAL A 210 -3.76 5.73 13.12
CA VAL A 210 -4.86 4.79 13.30
C VAL A 210 -6.13 5.34 12.65
N PHE A 211 -6.88 4.48 12.01
CA PHE A 211 -8.06 4.89 11.24
C PHE A 211 -9.26 5.18 12.14
N GLY A 212 -10.20 5.95 11.63
CA GLY A 212 -11.53 6.06 12.24
C GLY A 212 -12.35 4.81 11.99
N ASP A 213 -12.21 4.25 10.79
CA ASP A 213 -13.00 3.10 10.37
C ASP A 213 -12.11 2.11 9.67
N SER A 214 -12.36 0.84 9.92
CA SER A 214 -11.61 -0.22 9.29
C SER A 214 -12.13 -0.46 7.87
N VAL A 215 -11.23 -0.81 6.96
CA VAL A 215 -11.56 -1.08 5.56
C VAL A 215 -11.19 -2.52 5.28
N SER A 216 -12.07 -3.25 4.61
CA SER A 216 -11.79 -4.65 4.28
C SER A 216 -11.22 -4.76 2.89
N LEU A 217 -9.97 -5.18 2.82
CA LEU A 217 -9.30 -5.47 1.58
C LEU A 217 -9.04 -6.97 1.52
N TYR A 218 -9.51 -7.61 0.46
CA TYR A 218 -9.28 -9.03 0.28
C TYR A 218 -7.89 -9.34 -0.30
N ASN A 219 -7.31 -10.46 0.13
CA ASN A 219 -6.09 -10.97 -0.49
C ASN A 219 -6.44 -11.92 -1.63
N SER A 220 -5.45 -12.54 -2.25
CA SER A 220 -5.69 -13.42 -3.41
C SER A 220 -6.28 -14.79 -3.04
N MET A 221 -6.32 -15.12 -1.75
CA MET A 221 -7.01 -16.31 -1.23
C MET A 221 -8.46 -16.01 -0.84
N ASP A 222 -8.98 -14.84 -1.23
CA ASP A 222 -10.31 -14.39 -0.85
C ASP A 222 -10.54 -14.26 0.67
N GLU A 223 -9.47 -14.03 1.44
CA GLU A 223 -9.59 -13.72 2.88
C GLU A 223 -9.66 -12.22 3.05
N PRO A 224 -10.57 -11.74 3.89
CA PRO A 224 -10.63 -10.30 4.18
C PRO A 224 -9.55 -9.89 5.16
N ILE A 225 -8.84 -8.81 4.85
CA ILE A 225 -7.89 -8.24 5.77
C ILE A 225 -8.39 -6.88 6.17
N GLY A 226 -8.58 -6.70 7.47
CA GLY A 226 -9.06 -5.46 8.02
C GLY A 226 -7.88 -4.53 8.12
N VAL A 227 -7.94 -3.43 7.36
CA VAL A 227 -6.95 -2.39 7.40
C VAL A 227 -7.55 -1.25 8.18
N ASP A 228 -7.12 -1.11 9.44
CA ASP A 228 -7.58 -0.04 10.31
C ASP A 228 -6.45 0.89 10.71
N SER A 229 -5.39 0.91 9.93
CA SER A 229 -4.30 1.83 10.17
C SER A 229 -3.42 1.91 8.95
N MET A 230 -2.49 2.84 8.99
CA MET A 230 -1.48 2.99 7.94
C MET A 230 -0.35 1.96 8.04
N TYR A 231 -0.41 1.00 8.97
CA TYR A 231 0.73 0.12 9.20
C TYR A 231 0.58 -1.20 8.46
N TYR A 232 -0.06 -1.17 7.30
CA TYR A 232 -0.27 -2.36 6.49
C TYR A 232 0.43 -2.16 5.15
N PRO A 233 1.44 -2.99 4.83
CA PRO A 233 2.11 -2.94 3.51
C PRO A 233 1.20 -3.11 2.30
N ILE A 234 0.11 -3.87 2.47
CA ILE A 234 -0.87 -4.04 1.41
C ILE A 234 -1.65 -2.78 1.08
N LEU A 235 -1.63 -1.79 1.98
CA LEU A 235 -2.09 -0.44 1.70
C LEU A 235 -0.94 0.48 1.30
N THR A 236 0.01 0.70 2.22
CA THR A 236 0.95 1.80 2.03
C THR A 236 2.03 1.59 0.98
N ALA A 237 2.34 0.35 0.62
CA ALA A 237 3.14 0.06 -0.57
C ALA A 237 2.28 -0.31 -1.78
N ASN A 238 0.99 0.00 -1.76
CA ASN A 238 0.06 -0.38 -2.81
C ASN A 238 -0.60 0.86 -3.45
N MET A 239 -1.32 1.63 -2.63
CA MET A 239 -2.04 2.83 -3.07
C MET A 239 -1.03 3.93 -3.43
N ALA A 240 -0.99 4.29 -4.71
CA ALA A 240 0.01 5.19 -5.25
C ALA A 240 -0.30 6.65 -4.97
N PHE A 241 -1.59 6.98 -4.89
CA PHE A 241 -2.02 8.31 -4.53
C PHE A 241 -3.43 8.31 -3.97
N GLN A 242 -3.81 9.41 -3.33
CA GLN A 242 -5.11 9.54 -2.66
C GLN A 242 -5.93 10.69 -3.20
N LEU A 243 -7.25 10.55 -3.12
CA LEU A 243 -8.20 11.65 -3.24
C LEU A 243 -8.05 12.64 -2.08
N TYR A 244 -8.05 13.95 -2.37
CA TYR A 244 -8.04 14.93 -1.30
C TYR A 244 -9.34 14.81 -0.51
N GLN A 245 -9.24 14.92 0.82
CA GLN A 245 -10.37 14.68 1.73
C GLN A 245 -10.37 15.62 2.93
N CYS A 246 -9.24 15.73 3.63
CA CYS A 246 -9.14 16.46 4.90
C CYS A 246 -8.04 17.51 4.86
N PRO A 247 -8.27 18.67 5.50
CA PRO A 247 -7.15 19.56 5.79
C PRO A 247 -6.28 19.04 6.94
N ASN B 1 -16.97 18.12 8.29
CA ASN B 1 -16.75 16.65 8.18
C ASN B 1 -16.08 16.08 9.45
N GLU B 2 -16.91 15.70 10.43
CA GLU B 2 -16.44 15.07 11.69
C GLU B 2 -15.56 13.83 11.48
N GLN B 3 -15.75 13.14 10.34
CA GLN B 3 -14.91 12.00 9.97
C GLN B 3 -13.43 12.29 9.79
N CYS B 4 -13.07 13.54 9.50
CA CYS B 4 -11.65 13.94 9.43
C CYS B 4 -10.96 14.04 10.80
N SER B 5 -11.76 14.04 11.88
CA SER B 5 -11.27 14.12 13.25
C SER B 5 -11.93 13.05 14.14
N PRO B 6 -11.63 11.77 13.90
CA PRO B 6 -12.23 10.71 14.72
C PRO B 6 -11.72 10.81 16.16
N GLN B 7 -12.59 10.54 17.12
CA GLN B 7 -12.33 10.83 18.53
C GLN B 7 -11.62 9.71 19.27
N GLN B 8 -11.80 8.47 18.81
CA GLN B 8 -11.09 7.34 19.36
C GLN B 8 -11.09 6.18 18.40
N ARG B 9 -10.20 5.22 18.64
CA ARG B 9 -10.25 3.95 17.93
C ARG B 9 -9.62 2.86 18.74
N THR B 10 -10.33 1.73 18.82
CA THR B 10 -9.86 0.56 19.55
C THR B 10 -9.32 -0.48 18.58
N THR B 11 -8.10 -0.92 18.84
CA THR B 11 -7.41 -1.88 17.98
C THR B 11 -6.49 -2.76 18.83
N ARG B 12 -5.68 -3.60 18.19
CA ARG B 12 -4.66 -4.40 18.89
C ARG B 12 -3.30 -3.95 18.38
N ILE B 13 -2.25 -4.38 19.06
CA ILE B 13 -0.89 -4.02 18.71
C ILE B 13 -0.07 -5.30 18.74
N SER B 14 0.44 -5.70 17.58
CA SER B 14 1.26 -6.90 17.47
C SER B 14 2.68 -6.50 17.11
N GLY B 15 3.61 -7.42 17.32
CA GLY B 15 5.02 -7.13 17.08
C GLY B 15 5.85 -8.38 16.94
N ARG B 16 6.92 -8.46 17.74
CA ARG B 16 7.87 -9.56 17.66
C ARG B 16 7.17 -10.92 17.60
N ASP B 17 7.59 -11.72 16.60
CA ASP B 17 7.04 -13.04 16.27
C ASP B 17 5.50 -13.11 16.13
N GLY B 18 4.86 -11.98 15.86
CA GLY B 18 3.40 -11.94 15.71
C GLY B 18 2.62 -11.94 17.01
N LEU B 19 3.29 -11.69 18.14
CA LEU B 19 2.63 -11.66 19.45
C LEU B 19 2.13 -10.26 19.68
N CYS B 20 1.17 -10.16 20.61
CA CYS B 20 0.41 -8.93 20.86
C CYS B 20 0.85 -8.25 22.13
N VAL B 21 0.60 -6.96 22.20
CA VAL B 21 0.84 -6.14 23.41
C VAL B 21 -0.33 -6.39 24.36
N ASP B 22 0.00 -6.76 25.60
CA ASP B 22 -0.95 -7.40 26.53
C ASP B 22 -0.60 -6.91 27.93
N VAL B 23 -1.60 -6.39 28.66
CA VAL B 23 -1.41 -6.06 30.07
C VAL B 23 -1.45 -7.40 30.81
N TYR B 24 -0.32 -7.77 31.42
CA TYR B 24 -0.15 -9.06 32.12
C TYR B 24 -1.24 -9.32 33.15
N GLY B 25 -1.98 -10.40 32.95
CA GLY B 25 -3.03 -10.82 33.88
C GLY B 25 -4.20 -9.86 34.01
N ALA B 26 -4.41 -9.00 33.01
CA ALA B 26 -5.44 -7.96 33.05
C ALA B 26 -5.44 -7.13 34.36
N LEU B 27 -4.26 -6.92 34.93
CA LEU B 27 -4.16 -6.23 36.21
C LEU B 27 -4.32 -4.74 35.97
N THR B 28 -5.20 -4.11 36.74
CA THR B 28 -5.54 -2.70 36.55
C THR B 28 -4.72 -1.75 37.40
N ALA B 29 -3.93 -2.26 38.34
CA ALA B 29 -3.13 -1.42 39.22
C ALA B 29 -2.12 -0.58 38.43
N ASP B 30 -1.85 0.63 38.93
CA ASP B 30 -0.87 1.50 38.30
C ASP B 30 0.49 0.82 38.34
N GLY B 31 1.21 0.88 37.22
CA GLY B 31 2.48 0.18 37.08
C GLY B 31 2.35 -1.27 36.67
N SER B 32 1.13 -1.74 36.40
CA SER B 32 0.89 -3.09 35.87
C SER B 32 1.59 -3.20 34.52
N ARG B 33 2.62 -4.05 34.45
CA ARG B 33 3.44 -4.17 33.25
C ARG B 33 2.72 -4.79 32.04
N VAL B 34 3.29 -4.53 30.87
CA VAL B 34 2.76 -4.99 29.61
C VAL B 34 3.75 -6.01 29.05
N ILE B 35 3.23 -7.05 28.40
CA ILE B 35 4.02 -8.17 27.89
C ILE B 35 3.66 -8.50 26.45
N LEU B 36 4.47 -9.37 25.83
CA LEU B 36 4.05 -10.14 24.66
C LEU B 36 3.18 -11.31 25.11
N TYR B 37 2.10 -11.54 24.36
CA TYR B 37 1.25 -12.70 24.57
C TYR B 37 0.61 -13.10 23.25
N PRO B 38 0.31 -14.41 23.07
CA PRO B 38 -0.39 -14.77 21.84
C PRO B 38 -1.67 -13.97 21.71
N CYS B 39 -1.92 -13.49 20.50
CA CYS B 39 -2.99 -12.58 20.23
C CYS B 39 -4.34 -13.21 20.51
N GLY B 40 -5.24 -12.46 21.12
CA GLY B 40 -6.64 -12.90 21.31
C GLY B 40 -7.60 -11.74 21.48
N GLN B 41 -8.86 -12.07 21.76
CA GLN B 41 -9.95 -11.09 21.88
C GLN B 41 -10.11 -10.41 23.24
N GLN B 42 -9.27 -10.76 24.22
CA GLN B 42 -9.38 -10.21 25.56
C GLN B 42 -9.22 -8.70 25.61
N GLN B 43 -9.89 -8.06 26.57
CA GLN B 43 -9.90 -6.59 26.71
C GLN B 43 -8.53 -6.03 27.04
N ASN B 44 -7.69 -6.82 27.71
CA ASN B 44 -6.32 -6.39 28.06
C ASN B 44 -5.30 -6.40 26.91
N GLN B 45 -5.74 -6.83 25.71
CA GLN B 45 -5.04 -6.59 24.44
C GLN B 45 -5.74 -5.56 23.52
N GLN B 46 -6.83 -4.97 23.97
CA GLN B 46 -7.50 -3.88 23.24
C GLN B 46 -6.89 -2.55 23.64
N TRP B 47 -6.46 -1.79 22.64
CA TRP B 47 -5.76 -0.53 22.85
C TRP B 47 -6.53 0.55 22.12
N THR B 48 -6.96 1.57 22.87
CA THR B 48 -7.71 2.68 22.31
C THR B 48 -6.82 3.89 22.19
N PHE B 49 -6.80 4.47 21.00
CA PHE B 49 -5.99 5.64 20.69
C PHE B 49 -6.88 6.86 20.69
N TYR B 50 -6.34 7.96 21.18
CA TYR B 50 -7.07 9.20 21.34
C TYR B 50 -6.23 10.32 20.77
N PRO B 51 -6.88 11.45 20.40
CA PRO B 51 -6.11 12.55 19.82
C PRO B 51 -5.18 13.30 20.78
N ASP B 52 -5.26 13.01 22.08
CA ASP B 52 -4.26 13.49 23.04
C ASP B 52 -2.96 12.67 23.09
N ASN B 53 -2.74 11.81 22.08
CA ASN B 53 -1.56 10.95 21.98
C ASN B 53 -1.43 9.90 23.10
N THR B 54 -2.55 9.49 23.70
CA THR B 54 -2.56 8.40 24.64
C THR B 54 -2.97 7.12 23.94
N ILE B 55 -2.59 6.01 24.56
CA ILE B 55 -2.92 4.68 24.09
C ILE B 55 -3.35 3.92 25.34
N ARG B 56 -4.59 3.41 25.33
CA ARG B 56 -5.23 2.96 26.56
C ARG B 56 -5.80 1.56 26.49
N SER B 57 -5.61 0.81 27.58
CA SER B 57 -6.31 -0.46 27.82
C SER B 57 -6.79 -0.50 29.27
N LEU B 58 -7.97 -1.08 29.47
CA LEU B 58 -8.60 -1.16 30.79
C LEU B 58 -8.71 0.23 31.44
N GLY B 59 -8.98 1.25 30.62
CA GLY B 59 -9.15 2.62 31.09
C GLY B 59 -7.90 3.38 31.50
N LYS B 60 -6.73 2.78 31.33
CA LYS B 60 -5.47 3.39 31.76
C LYS B 60 -4.48 3.48 30.62
N CYS B 61 -3.53 4.40 30.76
CA CYS B 61 -2.62 4.80 29.69
C CYS B 61 -1.31 4.02 29.70
N LEU B 62 -0.98 3.44 28.54
CA LEU B 62 0.33 2.86 28.27
C LEU B 62 1.40 3.91 28.52
N ALA B 63 2.46 3.56 29.25
CA ALA B 63 3.54 4.50 29.56
C ALA B 63 4.84 3.83 29.98
N THR B 64 5.94 4.54 29.76
CA THR B 64 7.25 4.14 30.26
C THR B 64 7.24 4.31 31.78
N SER B 65 8.06 3.54 32.47
CA SER B 65 8.19 3.64 33.92
C SER B 65 9.50 4.29 34.40
N ALA B 66 10.38 4.70 33.48
CA ALA B 66 11.62 5.42 33.85
C ALA B 66 12.15 6.26 32.70
N LEU B 67 12.95 7.25 33.04
CA LEU B 67 13.63 8.10 32.05
C LEU B 67 14.73 7.34 31.33
N SER B 68 15.48 6.52 32.07
CA SER B 68 16.56 5.70 31.49
C SER B 68 16.01 4.41 30.86
N SER B 69 16.85 3.78 30.07
CA SER B 69 16.46 2.60 29.30
C SER B 69 16.42 1.35 30.15
N GLY B 70 15.65 0.36 29.71
CA GLY B 70 15.60 -0.96 30.33
C GLY B 70 14.47 -1.24 31.30
N SER B 71 13.71 -0.21 31.68
CA SER B 71 12.56 -0.38 32.55
C SER B 71 11.31 -0.83 31.79
N ASN B 72 10.41 -1.47 32.52
CA ASN B 72 9.15 -1.93 31.94
C ASN B 72 8.27 -0.80 31.43
N VAL B 73 7.56 -1.07 30.34
CA VAL B 73 6.45 -0.23 29.91
C VAL B 73 5.21 -0.76 30.63
N VAL B 74 4.37 0.17 31.10
CA VAL B 74 3.26 -0.16 32.01
C VAL B 74 1.98 0.58 31.62
N ILE B 75 0.87 0.21 32.25
CA ILE B 75 -0.31 1.06 32.24
C ILE B 75 -0.40 1.81 33.56
N THR B 76 -0.89 3.04 33.51
CA THR B 76 -0.97 3.90 34.66
C THR B 76 -2.13 4.88 34.52
N ASN B 77 -2.54 5.48 35.64
CA ASN B 77 -3.65 6.42 35.64
C ASN B 77 -3.36 7.53 34.65
N CYS B 78 -4.33 7.83 33.80
CA CYS B 78 -4.12 8.79 32.72
C CYS B 78 -3.99 10.23 33.21
N ASP B 79 -4.49 10.52 34.41
CA ASP B 79 -4.32 11.84 35.02
C ASP B 79 -2.85 12.18 35.36
N TYR B 80 -1.99 11.17 35.53
CA TYR B 80 -0.54 11.41 35.71
C TYR B 80 0.16 11.93 34.46
N LEU B 81 -0.46 11.76 33.30
CA LEU B 81 0.08 12.25 32.04
C LEU B 81 -0.64 13.52 31.58
N ARG B 82 -1.34 14.20 32.50
CA ARG B 82 -2.15 15.39 32.21
C ARG B 82 -1.47 16.42 31.33
N TYR B 83 -0.20 16.70 31.60
CA TYR B 83 0.58 17.69 30.84
C TYR B 83 1.57 17.05 29.86
N ASP B 84 1.57 15.73 29.76
CA ASP B 84 2.51 15.01 28.93
C ASP B 84 2.10 15.02 27.44
N ASP B 85 3.11 15.09 26.56
CA ASP B 85 2.90 15.03 25.11
C ASP B 85 2.53 13.64 24.63
N GLY B 86 3.05 12.60 25.28
CA GLY B 86 2.59 11.22 25.10
C GLY B 86 3.39 10.37 24.12
N TRP B 87 2.67 9.61 23.29
CA TRP B 87 3.28 8.67 22.34
C TRP B 87 3.25 9.18 20.91
N MET B 88 4.35 8.93 20.20
CA MET B 88 4.44 9.22 18.78
C MET B 88 4.83 7.91 18.09
N VAL B 89 4.08 7.56 17.06
CA VAL B 89 4.32 6.36 16.27
C VAL B 89 4.87 6.73 14.89
N SER B 90 6.07 6.26 14.54
CA SER B 90 6.70 6.59 13.25
C SER B 90 5.96 5.92 12.09
N SER B 91 6.30 6.32 10.87
CA SER B 91 5.82 5.63 9.67
C SER B 91 6.06 4.13 9.72
N SER B 92 7.23 3.74 10.20
CA SER B 92 7.67 2.35 10.16
C SER B 92 7.20 1.48 11.33
N GLY B 93 6.46 2.06 12.27
CA GLY B 93 5.90 1.30 13.41
C GLY B 93 6.77 1.30 14.66
N THR B 94 7.60 2.32 14.80
CA THR B 94 8.31 2.56 16.03
C THR B 94 7.41 3.37 16.92
N MET B 95 7.19 2.88 18.14
CA MET B 95 6.34 3.56 19.10
C MET B 95 7.22 4.22 20.15
N MET B 96 7.26 5.55 20.11
CA MET B 96 8.21 6.35 20.88
C MET B 96 7.52 7.30 21.86
N ASN B 97 8.00 7.29 23.10
CA ASN B 97 7.69 8.35 24.06
C ASN B 97 8.31 9.67 23.58
N LYS B 98 7.48 10.69 23.38
CA LYS B 98 7.94 11.97 22.77
C LYS B 98 8.94 12.74 23.61
N SER B 99 8.73 12.75 24.92
CA SER B 99 9.65 13.40 25.86
C SER B 99 11.03 12.73 25.94
N SER B 100 11.06 11.43 26.26
CA SER B 100 12.31 10.70 26.56
C SER B 100 12.97 10.03 25.36
N HIS B 101 12.22 9.87 24.27
CA HIS B 101 12.69 9.17 23.04
C HIS B 101 12.89 7.66 23.21
N LEU B 102 12.52 7.08 24.36
CA LEU B 102 12.58 5.63 24.50
C LEU B 102 11.46 4.99 23.68
N VAL B 103 11.71 3.77 23.20
CA VAL B 103 10.77 3.09 22.33
C VAL B 103 10.36 1.73 22.86
N LEU B 104 9.14 1.33 22.53
CA LEU B 104 8.59 0.07 22.95
C LEU B 104 9.42 -1.06 22.32
N THR B 105 9.91 -1.95 23.18
CA THR B 105 10.86 -2.98 22.81
C THR B 105 10.53 -4.32 23.45
N ALA B 106 10.70 -5.40 22.69
CA ALA B 106 10.61 -6.77 23.22
C ALA B 106 11.97 -7.49 23.19
N ASN B 107 12.64 -7.55 24.33
CA ASN B 107 13.99 -8.14 24.40
C ASN B 107 14.08 -9.67 24.24
N ALA B 108 12.94 -10.35 24.27
CA ALA B 108 12.83 -11.74 23.84
C ALA B 108 11.57 -11.90 23.00
N ALA B 109 11.45 -13.05 22.34
CA ALA B 109 10.34 -13.34 21.45
C ALA B 109 9.21 -14.16 22.08
N THR B 110 9.37 -14.59 23.33
CA THR B 110 8.49 -15.60 23.92
C THR B 110 7.32 -14.98 24.68
N SER B 111 6.25 -15.76 24.84
CA SER B 111 5.10 -15.32 25.59
C SER B 111 5.49 -14.96 27.04
N ARG B 112 4.87 -13.90 27.53
CA ARG B 112 5.13 -13.31 28.84
C ARG B 112 6.45 -12.57 29.00
N THR B 113 7.18 -12.37 27.90
CA THR B 113 8.30 -11.43 27.88
C THR B 113 7.79 -10.04 28.27
N ASN B 114 8.45 -9.41 29.24
CA ASN B 114 8.20 -8.01 29.57
C ASN B 114 8.61 -7.08 28.44
N LEU B 115 7.75 -6.14 28.08
CA LEU B 115 8.11 -5.10 27.13
C LEU B 115 8.78 -3.94 27.87
N THR B 116 9.82 -3.38 27.27
CA THR B 116 10.60 -2.33 27.90
C THR B 116 10.73 -1.09 27.01
N GLY B 117 11.04 0.03 27.66
CA GLY B 117 11.37 1.28 26.99
C GLY B 117 12.87 1.31 26.82
N GLU B 118 13.34 1.37 25.58
CA GLU B 118 14.76 1.28 25.27
C GLU B 118 15.14 2.36 24.28
N ASN B 119 16.45 2.53 24.09
CA ASN B 119 16.95 3.44 23.06
C ASN B 119 16.67 2.83 21.71
N ASN B 120 16.16 3.65 20.80
CA ASN B 120 15.82 3.17 19.46
C ASN B 120 17.06 2.90 18.65
N VAL B 121 17.20 1.66 18.20
CA VAL B 121 18.20 1.28 17.24
C VAL B 121 17.56 0.74 15.95
N PHE B 122 16.24 0.93 15.79
CA PHE B 122 15.49 0.40 14.64
C PHE B 122 15.57 -1.12 14.48
N ALA B 123 15.66 -1.85 15.59
CA ALA B 123 15.67 -3.31 15.57
C ALA B 123 14.26 -3.80 15.25
N ALA B 124 14.16 -5.03 14.74
CA ALA B 124 12.85 -5.65 14.48
C ALA B 124 12.03 -5.80 15.75
N LYS B 125 12.72 -6.06 16.86
CA LYS B 125 12.11 -6.12 18.19
C LYS B 125 11.60 -4.78 18.71
N GLN B 126 11.73 -3.74 17.90
CA GLN B 126 11.23 -2.41 18.17
C GLN B 126 10.21 -1.95 17.11
N ALA B 127 9.75 -2.90 16.27
CA ALA B 127 8.79 -2.65 15.19
C ALA B 127 7.46 -3.26 15.60
N TRP B 128 6.39 -2.50 15.41
CA TRP B 128 5.03 -2.86 15.83
C TRP B 128 4.02 -2.55 14.72
N ARG B 129 3.04 -3.44 14.55
CA ARG B 129 1.88 -3.17 13.74
C ARG B 129 0.71 -2.79 14.66
N ILE B 130 0.29 -1.54 14.61
CA ILE B 130 -0.95 -1.13 15.26
C ILE B 130 -2.05 -1.48 14.30
N GLY B 131 -2.88 -2.41 14.70
CA GLY B 131 -3.94 -2.86 13.86
C GLY B 131 -4.72 -4.02 14.42
N ASN B 132 -5.98 -4.15 14.06
CA ASN B 132 -6.78 -5.23 14.53
C ASN B 132 -6.37 -6.55 13.94
N TYR B 133 -5.99 -6.56 12.69
CA TYR B 133 -5.55 -7.75 11.98
C TYR B 133 -4.07 -8.02 12.25
N VAL B 134 -3.79 -9.10 12.98
CA VAL B 134 -2.44 -9.37 13.49
C VAL B 134 -1.67 -10.46 12.73
N GLU B 135 -2.31 -11.04 11.70
CA GLU B 135 -1.72 -12.19 11.01
C GLU B 135 -0.57 -11.78 10.09
N PRO B 136 0.40 -12.68 9.90
CA PRO B 136 1.36 -12.47 8.84
C PRO B 136 0.67 -12.42 7.48
N ILE B 137 1.09 -11.49 6.63
CA ILE B 137 0.53 -11.30 5.31
C ILE B 137 1.38 -12.06 4.31
N VAL B 138 0.78 -13.06 3.69
CA VAL B 138 1.48 -13.92 2.75
C VAL B 138 1.53 -13.20 1.41
N THR B 139 2.70 -13.10 0.82
CA THR B 139 2.84 -12.36 -0.43
C THR B 139 3.97 -12.88 -1.29
N THR B 140 3.98 -12.46 -2.55
CA THR B 140 5.17 -12.50 -3.39
C THR B 140 5.75 -11.10 -3.42
N ILE B 141 7.04 -11.03 -3.68
CA ILE B 141 7.79 -9.76 -3.69
C ILE B 141 8.42 -9.69 -5.07
N ILE B 142 7.94 -8.74 -5.87
CA ILE B 142 8.31 -8.63 -7.28
C ILE B 142 9.34 -7.51 -7.43
N GLY B 143 10.39 -7.78 -8.20
CA GLY B 143 11.43 -6.80 -8.41
C GLY B 143 11.74 -6.62 -9.87
N LEU B 144 13.01 -6.28 -10.12
CA LEU B 144 13.54 -5.94 -11.45
C LEU B 144 13.25 -7.05 -12.45
N ARG B 145 12.95 -6.65 -13.69
CA ARG B 145 12.52 -7.55 -14.75
C ARG B 145 11.28 -8.41 -14.39
N HIS B 146 10.42 -7.86 -13.51
CA HIS B 146 9.18 -8.51 -13.13
C HIS B 146 9.40 -9.90 -12.56
N MET B 147 10.53 -10.09 -11.88
CA MET B 147 10.90 -11.37 -11.30
C MET B 147 10.56 -11.35 -9.82
N CYS B 148 10.56 -12.53 -9.23
CA CYS B 148 10.09 -12.78 -7.87
C CYS B 148 11.27 -13.14 -6.98
N LEU B 149 11.33 -12.58 -5.77
CA LEU B 149 12.28 -13.05 -4.77
C LEU B 149 11.98 -14.50 -4.40
N GLU B 150 13.02 -15.32 -4.39
CA GLU B 150 12.91 -16.72 -4.07
C GLU B 150 13.94 -17.07 -3.00
N ALA B 151 13.53 -17.90 -2.04
CA ALA B 151 14.42 -18.46 -1.01
C ALA B 151 15.15 -19.64 -1.61
N THR B 152 16.48 -19.59 -1.62
CA THR B 152 17.32 -20.55 -2.33
C THR B 152 18.36 -21.13 -1.39
N ASP B 153 19.07 -22.15 -1.89
CA ASP B 153 20.17 -22.81 -1.18
C ASP B 153 19.74 -23.30 0.21
N ASN B 154 18.64 -24.03 0.23
CA ASN B 154 18.09 -24.58 1.47
C ASN B 154 17.67 -23.50 2.48
N ASP B 155 16.99 -22.47 1.96
CA ASP B 155 16.58 -21.27 2.73
C ASP B 155 17.74 -20.54 3.45
N THR B 156 18.87 -20.38 2.78
CA THR B 156 20.00 -19.57 3.28
C THR B 156 20.27 -18.31 2.42
N ASN B 157 19.90 -18.35 1.14
CA ASN B 157 20.07 -17.23 0.25
C ASN B 157 18.76 -16.84 -0.37
N VAL B 158 18.77 -15.71 -1.05
CA VAL B 158 17.61 -15.14 -1.68
C VAL B 158 18.03 -14.39 -2.93
N TRP B 159 17.35 -14.63 -4.04
CA TRP B 159 17.58 -13.85 -5.26
C TRP B 159 16.35 -13.87 -6.19
N LEU B 160 16.45 -13.17 -7.32
CA LEU B 160 15.33 -13.06 -8.25
C LEU B 160 15.26 -14.24 -9.21
N GLU B 161 14.07 -14.82 -9.31
CA GLU B 161 13.74 -15.83 -10.32
C GLU B 161 12.43 -15.42 -10.96
N SER B 162 12.19 -15.91 -12.17
CA SER B 162 10.95 -15.59 -12.86
C SER B 162 9.77 -16.20 -12.08
N CYS B 163 8.68 -15.43 -12.01
CA CYS B 163 7.52 -15.79 -11.20
C CYS B 163 6.81 -17.04 -11.74
N VAL B 164 6.50 -17.97 -10.84
CA VAL B 164 5.73 -19.17 -11.12
C VAL B 164 4.73 -19.30 -9.97
N LYS B 165 3.43 -19.29 -10.29
CA LYS B 165 2.40 -19.16 -9.27
C LYS B 165 2.44 -20.27 -8.22
N ASN B 166 2.75 -21.50 -8.64
CA ASN B 166 2.83 -22.62 -7.68
C ASN B 166 4.05 -22.56 -6.72
N LYS B 167 5.11 -21.88 -7.14
CA LYS B 167 6.45 -22.10 -6.58
C LYS B 167 6.54 -21.71 -5.10
N THR B 168 6.51 -22.74 -4.27
CA THR B 168 6.48 -22.60 -2.80
C THR B 168 7.53 -21.64 -2.19
N LYS B 169 8.70 -21.56 -2.78
CA LYS B 169 9.79 -20.74 -2.24
C LYS B 169 9.76 -19.26 -2.65
N GLN B 170 8.85 -18.91 -3.56
CA GLN B 170 8.63 -17.51 -3.92
C GLN B 170 7.62 -16.78 -3.02
N TYR B 171 7.18 -17.40 -1.92
CA TYR B 171 6.18 -16.80 -1.02
C TYR B 171 6.81 -16.42 0.32
N TRP B 172 6.43 -15.24 0.80
CA TRP B 172 6.96 -14.67 2.03
C TRP B 172 5.80 -14.23 2.95
N ALA B 173 6.05 -14.29 4.26
CA ALA B 173 5.09 -13.87 5.25
C ALA B 173 5.62 -12.60 5.89
N LEU B 174 4.93 -11.48 5.65
CA LEU B 174 5.30 -10.20 6.25
C LEU B 174 4.69 -10.15 7.65
N TYR B 175 5.55 -10.03 8.67
CA TYR B 175 5.13 -10.08 10.06
C TYR B 175 5.03 -8.70 10.68
N SER B 176 4.38 -8.65 11.84
CA SER B 176 4.10 -7.38 12.52
C SER B 176 5.33 -6.67 13.09
N ASP B 177 6.44 -7.40 13.20
CA ASP B 177 7.75 -6.83 13.58
C ASP B 177 8.60 -6.40 12.38
N ASP B 178 7.96 -6.10 11.24
CA ASP B 178 8.67 -5.69 10.02
C ASP B 178 9.63 -6.75 9.44
N THR B 179 9.48 -8.01 9.83
CA THR B 179 10.32 -9.07 9.32
C THR B 179 9.69 -9.65 8.04
N ILE B 180 10.53 -10.16 7.16
CA ILE B 180 10.11 -10.81 5.94
C ILE B 180 10.57 -12.24 6.12
N ARG B 181 9.61 -13.14 6.33
CA ARG B 181 9.92 -14.52 6.67
C ARG B 181 9.58 -15.48 5.55
N VAL B 182 10.33 -16.57 5.47
CA VAL B 182 10.12 -17.63 4.49
C VAL B 182 8.76 -18.19 4.82
N ASN B 183 7.89 -18.34 3.82
CA ASN B 183 6.50 -18.67 4.12
C ASN B 183 6.32 -20.07 4.72
N ASN B 184 7.07 -21.05 4.22
CA ASN B 184 6.97 -22.42 4.78
C ASN B 184 8.02 -22.73 5.87
N ASN B 185 8.71 -21.70 6.39
CA ASN B 185 9.58 -21.84 7.55
C ASN B 185 9.70 -20.51 8.27
N ARG B 186 8.78 -20.30 9.20
CA ARG B 186 8.58 -19.01 9.83
C ARG B 186 9.60 -18.66 10.91
N ASN B 187 10.55 -19.53 11.21
CA ASN B 187 11.71 -19.17 12.04
C ASN B 187 12.86 -18.49 11.25
N LEU B 188 12.76 -18.44 9.92
CA LEU B 188 13.79 -17.84 9.05
C LEU B 188 13.33 -16.51 8.46
N CYS B 189 14.25 -15.54 8.49
CA CYS B 189 13.99 -14.14 8.20
C CYS B 189 14.98 -13.64 7.15
N VAL B 190 14.50 -12.83 6.20
CA VAL B 190 15.39 -12.14 5.27
C VAL B 190 16.25 -11.15 6.10
N SER B 191 17.55 -11.17 5.84
CA SER B 191 18.51 -10.47 6.68
C SER B 191 19.65 -9.79 5.91
N SER B 192 19.97 -8.57 6.34
CA SER B 192 21.12 -7.84 5.82
C SER B 192 22.37 -8.49 6.38
N SER B 193 23.44 -8.44 5.61
CA SER B 193 24.72 -9.06 5.99
C SER B 193 25.13 -8.83 7.45
N THR B 194 25.52 -9.92 8.12
CA THR B 194 26.22 -9.81 9.40
C THR B 194 27.76 -9.76 9.20
N ASP B 195 28.24 -9.91 7.97
CA ASP B 195 29.66 -9.76 7.64
C ASP B 195 29.97 -8.38 7.05
N SER B 196 30.79 -7.61 7.75
CA SER B 196 31.21 -6.27 7.32
C SER B 196 31.75 -6.21 5.87
N SER B 197 32.42 -7.27 5.44
CA SER B 197 32.97 -7.35 4.08
C SER B 197 31.94 -7.56 2.97
N SER B 198 30.73 -8.02 3.33
CA SER B 198 29.67 -8.30 2.37
C SER B 198 28.48 -7.35 2.51
N LYS B 199 27.88 -7.01 1.38
CA LYS B 199 26.60 -6.30 1.37
C LYS B 199 25.44 -7.23 1.03
N LEU B 200 25.71 -8.53 0.94
CA LEU B 200 24.74 -9.48 0.43
C LEU B 200 23.60 -9.73 1.43
N ILE B 201 22.37 -9.57 0.96
CA ILE B 201 21.19 -9.88 1.74
C ILE B 201 21.03 -11.39 1.69
N VAL B 202 20.76 -12.00 2.84
CA VAL B 202 20.70 -13.47 2.99
C VAL B 202 19.49 -13.87 3.87
N ILE B 203 19.33 -15.17 4.15
CA ILE B 203 18.27 -15.66 5.02
C ILE B 203 18.89 -16.26 6.28
N ARG B 204 18.44 -15.82 7.44
CA ARG B 204 18.97 -16.28 8.73
C ARG B 204 17.83 -16.47 9.71
N ARG B 205 18.09 -17.31 10.73
CA ARG B 205 17.16 -17.51 11.83
C ARG B 205 16.79 -16.16 12.44
N CYS B 206 15.50 -15.94 12.69
CA CYS B 206 15.03 -14.67 13.26
C CYS B 206 15.63 -14.41 14.64
N ASP B 207 16.12 -13.20 14.88
CA ASP B 207 16.73 -12.81 16.16
C ASP B 207 16.37 -11.41 16.61
N GLY B 208 15.40 -10.78 15.96
CA GLY B 208 14.96 -9.44 16.33
C GLY B 208 15.92 -8.30 16.03
N SER B 209 16.91 -8.57 15.19
CA SER B 209 17.98 -7.62 14.93
C SER B 209 17.56 -6.49 14.00
N ILE B 210 18.44 -5.49 13.94
CA ILE B 210 18.36 -4.39 12.97
C ILE B 210 18.41 -4.97 11.57
N ASN B 211 19.14 -6.08 11.42
CA ASN B 211 19.40 -6.67 10.11
C ASN B 211 18.14 -7.22 9.45
N GLN B 212 17.12 -7.52 10.26
CA GLN B 212 15.92 -8.21 9.82
C GLN B 212 14.69 -7.30 9.82
N ARG B 213 14.87 -6.02 10.08
CA ARG B 213 13.82 -5.03 10.06
C ARG B 213 13.67 -4.34 8.70
N TRP B 214 12.57 -4.59 8.02
CA TRP B 214 12.33 -4.03 6.68
C TRP B 214 11.04 -3.23 6.59
N VAL B 215 11.09 -2.12 5.85
CA VAL B 215 9.96 -1.22 5.69
C VAL B 215 9.64 -1.08 4.21
N PHE B 216 8.41 -1.41 3.83
CA PHE B 216 7.93 -1.25 2.47
C PHE B 216 7.44 0.18 2.36
N THR B 217 8.24 1.04 1.74
CA THR B 217 7.95 2.47 1.71
C THR B 217 6.98 2.77 0.57
N PRO B 218 6.26 3.91 0.63
CA PRO B 218 5.35 4.24 -0.49
C PRO B 218 6.08 4.51 -1.80
N GLN B 219 7.34 4.99 -1.74
CA GLN B 219 8.16 5.14 -2.94
C GLN B 219 8.62 3.83 -3.58
N GLY B 220 8.25 2.70 -2.99
CA GLY B 220 8.44 1.40 -3.60
C GLY B 220 9.83 0.81 -3.37
N THR B 221 10.47 1.21 -2.28
CA THR B 221 11.72 0.56 -1.84
C THR B 221 11.41 -0.37 -0.68
N ILE B 222 12.35 -1.27 -0.39
CA ILE B 222 12.32 -2.10 0.81
C ILE B 222 13.49 -1.60 1.68
N SER B 223 13.16 -0.77 2.67
CA SER B 223 14.13 0.00 3.43
C SER B 223 14.51 -0.68 4.74
N ASN B 224 15.80 -0.68 5.06
CA ASN B 224 16.25 -1.04 6.41
C ASN B 224 16.56 0.25 7.13
N PRO B 225 15.63 0.74 7.97
CA PRO B 225 15.79 2.08 8.54
C PRO B 225 16.96 2.22 9.54
N GLY B 226 17.43 1.11 10.11
CA GLY B 226 18.58 1.12 10.99
C GLY B 226 19.90 1.40 10.29
N TYR B 227 20.07 0.81 9.10
CA TYR B 227 21.28 1.00 8.30
C TYR B 227 21.11 2.03 7.19
N GLU B 228 20.02 2.80 7.24
CA GLU B 228 19.73 3.84 6.25
C GLU B 228 20.06 3.41 4.82
N ALA B 229 19.56 2.25 4.44
CA ALA B 229 19.81 1.70 3.11
C ALA B 229 18.61 0.87 2.62
N VAL B 230 18.64 0.44 1.36
CA VAL B 230 17.50 -0.23 0.72
C VAL B 230 17.96 -1.49 0.00
N MET B 231 17.03 -2.40 -0.29
CA MET B 231 17.34 -3.59 -1.06
C MET B 231 17.58 -3.21 -2.51
N ASP B 232 18.59 -3.83 -3.11
CA ASP B 232 19.00 -3.50 -4.47
C ASP B 232 19.46 -4.76 -5.17
N VAL B 233 19.10 -4.89 -6.45
CA VAL B 233 19.59 -5.96 -7.28
C VAL B 233 21.02 -5.58 -7.67
N ALA B 234 21.97 -6.48 -7.40
CA ALA B 234 23.40 -6.17 -7.60
C ALA B 234 23.65 -5.82 -9.05
N GLN B 235 24.28 -4.66 -9.29
CA GLN B 235 24.61 -4.18 -10.66
C GLN B 235 23.39 -4.01 -11.57
N ASN B 236 22.20 -3.89 -10.98
CA ASN B 236 20.94 -4.00 -11.71
C ASN B 236 20.93 -5.19 -12.66
N ASP B 237 21.47 -6.32 -12.20
CA ASP B 237 21.61 -7.51 -13.03
C ASP B 237 21.05 -8.71 -12.27
N VAL B 238 19.85 -9.13 -12.64
CA VAL B 238 19.17 -10.25 -12.00
C VAL B 238 19.90 -11.56 -12.15
N TYR B 239 20.69 -11.70 -13.21
CA TYR B 239 21.44 -12.93 -13.44
C TYR B 239 22.67 -13.10 -12.55
N LEU B 240 23.11 -12.06 -11.84
CA LEU B 240 24.12 -12.21 -10.78
C LEU B 240 23.60 -12.93 -9.53
N LYS B 241 22.29 -13.03 -9.36
CA LYS B 241 21.67 -13.78 -8.25
C LYS B 241 22.15 -13.29 -6.89
N LYS B 242 22.19 -11.98 -6.77
CA LYS B 242 22.67 -11.30 -5.59
C LYS B 242 21.82 -10.06 -5.33
N ILE B 243 21.24 -9.99 -4.14
CA ILE B 243 20.50 -8.82 -3.71
C ILE B 243 21.32 -8.23 -2.61
N VAL B 244 21.53 -6.92 -2.65
CA VAL B 244 22.40 -6.25 -1.72
C VAL B 244 21.72 -5.09 -1.09
N LEU B 245 22.30 -4.64 0.01
CA LEU B 245 21.88 -3.42 0.69
C LEU B 245 22.72 -2.24 0.16
N SER B 246 22.04 -1.17 -0.23
CA SER B 246 22.67 0.03 -0.81
C SER B 246 21.96 1.31 -0.38
N SER B 247 22.69 2.42 -0.36
CA SER B 247 22.07 3.72 -0.10
C SER B 247 21.09 4.01 -1.26
N ALA B 248 19.93 4.57 -0.94
CA ALA B 248 18.88 4.77 -1.94
C ALA B 248 19.33 5.73 -3.06
N THR B 249 19.11 5.33 -4.30
CA THR B 249 19.37 6.20 -5.44
C THR B 249 18.58 5.67 -6.64
N ASP B 250 18.07 6.57 -7.47
CA ASP B 250 17.41 6.16 -8.71
C ASP B 250 18.45 6.08 -9.84
N LYS B 251 19.35 5.08 -9.75
CA LYS B 251 20.37 4.83 -10.76
C LYS B 251 19.74 3.99 -11.87
N GLY B 252 19.11 2.89 -11.47
CA GLY B 252 18.28 2.08 -12.35
C GLY B 252 16.91 1.87 -11.69
N ASN B 253 16.37 0.66 -11.88
CA ASN B 253 15.13 0.22 -11.22
C ASN B 253 15.38 -0.93 -10.23
N GLY B 254 16.64 -1.22 -9.96
CA GLY B 254 17.00 -2.27 -9.06
C GLY B 254 16.51 -2.08 -7.64
N GLN B 255 16.14 -0.86 -7.27
CA GLN B 255 15.62 -0.58 -5.93
C GLN B 255 14.09 -0.48 -5.85
N GLN B 256 13.40 -0.77 -6.96
CA GLN B 256 11.94 -0.75 -6.97
C GLN B 256 11.36 -2.14 -6.75
N TRP B 257 10.39 -2.23 -5.85
CA TRP B 257 9.75 -3.48 -5.51
C TRP B 257 8.22 -3.37 -5.41
N THR B 258 7.55 -4.51 -5.61
CA THR B 258 6.10 -4.62 -5.46
C THR B 258 5.72 -5.79 -4.52
N VAL B 259 4.76 -5.53 -3.64
CA VAL B 259 4.14 -6.56 -2.80
C VAL B 259 2.89 -7.05 -3.53
N PHE B 260 2.91 -8.31 -3.94
CA PHE B 260 1.77 -8.94 -4.59
C PHE B 260 1.17 -10.04 -3.70
N TYR B 261 -0.01 -9.77 -3.17
CA TYR B 261 -0.61 -10.54 -2.06
C TYR B 261 -1.95 -11.09 -2.52
C1 NAG C . 9.42 -8.63 34.33
C2 NAG C . 10.69 -9.18 34.96
C3 NAG C . 10.52 -9.71 36.35
C4 NAG C . 9.79 -8.69 37.20
C5 NAG C . 8.51 -8.18 36.51
C6 NAG C . 7.96 -6.95 37.16
C7 NAG C . 12.39 -10.15 33.52
C8 NAG C . 13.27 -8.97 33.74
N2 NAG C . 11.21 -10.21 34.12
O3 NAG C . 11.82 -9.88 36.90
O4 NAG C . 9.56 -9.23 38.50
O5 NAG C . 8.76 -7.75 35.19
O6 NAG C . 8.98 -6.03 37.51
O7 NAG C . 12.79 -11.02 32.81
C1 FUC C . 12.42 -11.15 36.57
C2 FUC C . 13.84 -11.34 37.09
C3 FUC C . 13.75 -11.14 38.59
C4 FUC C . 12.87 -12.24 39.16
C5 FUC C . 11.50 -11.97 38.59
C6 FUC C . 10.46 -12.92 39.10
O2 FUC C . 14.81 -10.49 36.54
O3 FUC C . 15.05 -11.09 39.15
O4 FUC C . 13.34 -13.48 38.67
O5 FUC C . 11.66 -12.14 37.20
C1 NAG D . 7.39 9.67 28.70
C2 NAG D . 6.29 9.42 29.68
C3 NAG D . 6.22 10.47 30.78
C4 NAG D . 7.57 10.78 31.43
C5 NAG D . 8.75 10.65 30.50
C6 NAG D . 9.79 10.05 31.41
C7 NAG D . 4.54 8.27 28.46
C8 NAG D . 3.21 8.38 27.80
N2 NAG D . 5.04 9.38 28.96
O3 NAG D . 5.35 10.00 31.79
O4 NAG D . 7.63 12.05 32.07
O5 NAG D . 8.62 9.81 29.37
O6 NAG D . 11.07 10.32 30.93
O7 NAG D . 5.11 7.23 28.51
C1 NAG D . 7.88 11.91 33.49
C2 NAG D . 8.10 13.25 34.21
C3 NAG D . 8.21 13.09 35.72
C4 NAG D . 7.15 12.18 36.27
C5 NAG D . 7.28 10.87 35.52
C6 NAG D . 6.40 9.80 36.12
C7 NAG D . 9.39 14.59 32.74
C8 NAG D . 10.75 14.77 32.20
N2 NAG D . 9.34 13.82 33.79
O3 NAG D . 8.11 14.33 36.39
O4 NAG D . 7.41 12.06 37.65
O5 NAG D . 6.91 11.16 34.17
O6 NAG D . 5.13 10.36 36.33
O7 NAG D . 8.42 15.09 32.26
C1 NAG E . -24.63 10.48 -11.87
C2 NAG E . -26.04 10.05 -11.52
C3 NAG E . -26.91 11.08 -10.80
C4 NAG E . -26.17 12.02 -9.87
C5 NAG E . -24.81 12.36 -10.40
C6 NAG E . -24.00 12.97 -9.30
C7 NAG E . -26.91 8.32 -12.89
C8 NAG E . -27.21 7.91 -14.28
N2 NAG E . -26.69 9.61 -12.72
O3 NAG E . -27.91 10.36 -10.07
O4 NAG E . -26.93 13.21 -9.82
O5 NAG E . -24.17 11.17 -10.72
O6 NAG E . -22.79 13.53 -9.82
O7 NAG E . -26.84 7.53 -11.97
P PO4 F . -17.38 23.02 -13.28
O1 PO4 F . -18.78 23.42 -12.89
O2 PO4 F . -16.84 22.03 -12.28
O3 PO4 F . -16.51 24.25 -13.28
O4 PO4 F . -17.41 22.41 -14.66
C1 NAG G . 10.16 -8.35 39.69
C2 NAG G . 9.57 -8.44 41.09
C3 NAG G . 10.25 -7.47 42.04
C4 NAG G . 11.75 -7.65 41.98
C5 NAG G . 12.24 -7.53 40.54
C6 NAG G . 13.74 -7.73 40.45
C7 NAG G . 7.27 -9.12 40.71
C8 NAG G . 5.83 -8.70 40.66
N2 NAG G . 8.14 -8.18 41.05
O3 NAG G . 9.80 -7.71 43.38
O4 NAG G . 12.40 -6.66 42.78
O5 NAG G . 11.58 -8.50 39.71
O6 NAG G . 14.18 -7.45 39.12
O7 NAG G . 7.62 -10.27 40.44
C1 BMA H . 13.14 -5.92 44.70
C2 BMA H . 11.84 -5.72 45.46
C3 BMA H . 11.11 -4.51 44.89
C4 BMA H . 11.96 -3.26 44.98
C5 BMA H . 13.29 -3.53 44.30
C6 BMA H . 14.17 -2.31 44.50
O2 BMA H . 12.12 -5.52 46.84
O3 BMA H . 9.88 -4.36 45.59
O4 BMA H . 11.38 -2.16 44.27
O5 BMA H . 13.90 -4.73 44.80
O6 BMA H . 15.02 -2.13 43.36
C1 EDO I . 6.00 -22.72 8.75
O1 EDO I . 6.89 -22.49 9.85
C2 EDO I . 4.55 -22.43 9.15
O2 EDO I . 3.83 -21.92 8.01
C1 PGE J . 2.04 -22.04 5.16
O1 PGE J . 2.69 -23.28 4.87
C2 PGE J . 1.12 -21.69 4.00
O2 PGE J . 0.50 -20.42 4.24
C3 PGE J . 0.23 -19.56 3.13
C4 PGE J . -0.44 -20.18 1.91
O4 PGE J . 1.48 -21.40 -1.50
C6 PGE J . 1.35 -20.21 -0.73
C5 PGE J . -0.12 -19.93 -0.47
O3 PGE J . -0.25 -19.30 0.80
C1 GAL K . -4.40 -13.76 31.65
C2 GAL K . -4.77 -12.97 30.40
C3 GAL K . -3.71 -13.04 29.29
C4 GAL K . -2.30 -12.85 29.82
C5 GAL K . -2.11 -13.89 30.91
C6 GAL K . -0.68 -13.87 31.40
O2 GAL K . -6.01 -13.39 29.87
O3 GAL K . -3.98 -12.07 28.33
O4 GAL K . -2.06 -11.55 30.32
O5 GAL K . -3.03 -13.63 31.93
O6 GAL K . -0.30 -15.13 31.90
O5 A2G L . -5.58 -15.46 36.47
C1 A2G L . -6.66 -15.45 35.56
O1 A2G L . -6.84 -16.76 35.08
C2 A2G L . -6.39 -14.49 34.40
N2 A2G L . -7.46 -14.57 33.47
C3 A2G L . -5.09 -14.82 33.67
O3 A2G L . -4.75 -13.89 32.65
C4 A2G L . -4.00 -14.93 34.71
O4 A2G L . -3.88 -13.65 35.28
C5 A2G L . -4.39 -15.90 35.83
C6 A2G L . -3.31 -16.02 36.86
O6 A2G L . -3.43 -17.27 37.53
C7 A2G L . -8.26 -13.55 33.25
O7 A2G L . -8.28 -12.55 33.91
C8 A2G L . -9.18 -13.74 32.07
C MBN M . -6.92 -17.81 34.58
C1 MBN M . -7.42 -19.11 33.97
C2 MBN M . -8.59 -19.14 33.24
C3 MBN M . -9.04 -20.33 32.68
C4 MBN M . -8.32 -21.50 32.83
C5 MBN M . -7.16 -21.47 33.56
C6 MBN M . -6.72 -20.28 34.13
#